data_3G0U
#
_entry.id   3G0U
#
_cell.length_a   90.752
_cell.length_b   90.752
_cell.length_c   122.799
_cell.angle_alpha   90.00
_cell.angle_beta   90.00
_cell.angle_gamma   120.00
#
_symmetry.space_group_name_H-M   'P 32 2 1'
#
loop_
_entity.id
_entity.type
_entity.pdbx_description
1 polymer 'Dihydroorotate dehydrogenase'
2 non-polymer 'OROTIC ACID'
3 non-polymer 'FLAVIN MONONUCLEOTIDE'
4 non-polymer "(2Z)-N-(3-chloro-2'-methoxybiphenyl-4-yl)-2-cyano-3-hydroxybut-2-enamide"
5 water water
#
_entity_poly.entity_id   1
_entity_poly.type   'polypeptide(L)'
_entity_poly.pdbx_seq_one_letter_code
;MATGDERFYAEHLMPTLQGLLDPESAHRLAVRFTSLGLLPRARFQDSDMLEVRVLGHKFRNPVGIAAGFDKHGEAVDGLY
KMGFGFVEIGSVTPKPQEGNPRPRVFRLPEDQAVINRYGFNSHGLSVVEHRLRARQQKQAKLTEDGLPLGVNLGKNKTSV
DAAEDYAEGVRVLGPLADYLVVNVSSPNTAGLRSLQGKAELRRLLTKVLQERDGLRRVHRPAVLVKIAPDLTSQDKEDIA
SVVKELGIDGLIVTNTTVSRPAGLQGALRSETGGLSGKPLRDLSTQTIREMYALTQGRVPIIGVGGVSSGQDALEKIRAG
ASLVQLYTALTFWGPPVVGKVKRELEALLKEQGFGGVTDAIGADHRR
;
_entity_poly.pdbx_strand_id   A
#
loop_
_chem_comp.id
_chem_comp.type
_chem_comp.name
_chem_comp.formula
FMN non-polymer 'FLAVIN MONONUCLEOTIDE' 'C17 H21 N4 O9 P'
MDY non-polymer (2Z)-N-(3-chloro-2'-methoxybiphenyl-4-yl)-2-cyano-3-hydroxybut-2-enamide 'C18 H15 Cl N2 O3'
ORO non-polymer 'OROTIC ACID' 'C5 H4 N2 O4'
#
# COMPACT_ATOMS: atom_id res chain seq x y z
N GLY A 4 0.75 22.85 -10.09
CA GLY A 4 1.08 21.40 -10.01
C GLY A 4 2.53 21.24 -10.36
N ASP A 5 3.29 22.29 -10.06
CA ASP A 5 4.74 22.39 -10.27
C ASP A 5 5.49 21.91 -9.00
N GLU A 6 6.42 20.98 -9.25
CA GLU A 6 6.99 20.24 -8.13
C GLU A 6 7.64 21.23 -7.18
N ARG A 7 8.32 22.23 -7.75
CA ARG A 7 9.09 23.15 -6.91
C ARG A 7 8.24 23.96 -5.96
N PHE A 8 7.16 24.52 -6.51
CA PHE A 8 6.24 25.33 -5.72
C PHE A 8 5.58 24.53 -4.58
N TYR A 9 5.19 23.28 -4.87
CA TYR A 9 4.60 22.40 -3.84
C TYR A 9 5.68 22.07 -2.81
N ALA A 10 6.83 21.66 -3.30
CA ALA A 10 7.94 21.22 -2.45
C ALA A 10 8.50 22.34 -1.57
N GLU A 11 8.80 23.49 -2.18
CA GLU A 11 9.44 24.61 -1.48
C GLU A 11 8.43 25.51 -0.76
N HIS A 12 7.22 25.64 -1.27
CA HIS A 12 6.34 26.65 -0.67
C HIS A 12 5.06 26.10 -0.05
N LEU A 13 4.27 25.44 -0.88
CA LEU A 13 2.95 25.06 -0.45
C LEU A 13 2.96 24.07 0.73
N MET A 14 3.75 22.98 0.60
CA MET A 14 3.74 21.89 1.60
C MET A 14 4.33 22.43 2.93
N PRO A 15 5.53 23.06 2.86
CA PRO A 15 6.10 23.63 4.10
C PRO A 15 5.13 24.58 4.79
N THR A 16 4.39 25.37 4.02
CA THR A 16 3.45 26.31 4.65
C THR A 16 2.27 25.58 5.28
N LEU A 17 1.76 24.61 4.52
CA LEU A 17 0.72 23.76 5.04
C LEU A 17 1.20 23.11 6.30
N GLN A 18 2.42 22.59 6.29
CA GLN A 18 2.98 21.83 7.45
C GLN A 18 3.14 22.77 8.69
N GLY A 19 3.25 24.09 8.43
CA GLY A 19 3.42 25.06 9.52
C GLY A 19 2.08 25.50 10.04
N LEU A 20 1.00 25.25 9.29
CA LEU A 20 -0.27 25.72 9.74
C LEU A 20 -1.08 24.65 10.46
N LEU A 21 -0.93 23.37 10.11
CA LEU A 21 -1.80 22.32 10.64
C LEU A 21 -1.02 21.21 11.34
N ASP A 22 -1.61 20.53 12.29
CA ASP A 22 -0.90 19.33 12.75
C ASP A 22 -1.06 18.23 11.63
N PRO A 23 -0.23 17.19 11.70
CA PRO A 23 -0.17 16.16 10.65
C PRO A 23 -1.52 15.45 10.45
N GLU A 24 -2.22 15.09 11.51
CA GLU A 24 -3.53 14.44 11.24
C GLU A 24 -4.54 15.36 10.55
N SER A 25 -4.61 16.63 11.02
CA SER A 25 -5.46 17.58 10.35
C SER A 25 -5.07 17.74 8.90
N ALA A 26 -3.77 17.82 8.60
CA ALA A 26 -3.36 18.03 7.23
C ALA A 26 -3.87 16.76 6.39
N HIS A 27 -3.75 15.58 6.97
CA HIS A 27 -4.18 14.36 6.26
C HIS A 27 -5.71 14.40 6.03
N ARG A 28 -6.48 14.73 7.07
CA ARG A 28 -7.91 14.83 6.89
C ARG A 28 -8.29 15.82 5.81
N LEU A 29 -7.66 17.01 5.80
CA LEU A 29 -7.98 18.02 4.76
C LEU A 29 -7.57 17.52 3.36
N ALA A 30 -6.42 16.84 3.26
CA ALA A 30 -5.98 16.27 1.99
C ALA A 30 -7.06 15.22 1.52
N VAL A 31 -7.60 14.42 2.40
CA VAL A 31 -8.64 13.45 1.93
C VAL A 31 -9.88 14.21 1.41
N ARG A 32 -10.28 15.22 2.17
CA ARG A 32 -11.44 16.02 1.80
C ARG A 32 -11.25 16.67 0.48
N PHE A 33 -10.13 17.34 0.34
CA PHE A 33 -9.86 18.03 -0.87
C PHE A 33 -9.87 17.08 -2.05
N THR A 34 -9.21 15.94 -1.86
CA THR A 34 -9.06 15.00 -2.97
C THR A 34 -10.44 14.47 -3.32
N SER A 35 -11.25 14.19 -2.32
CA SER A 35 -12.53 13.57 -2.61
C SER A 35 -13.49 14.55 -3.26
N LEU A 36 -13.31 15.84 -2.99
CA LEU A 36 -14.15 16.84 -3.62
C LEU A 36 -13.74 17.07 -5.05
N GLY A 37 -12.65 16.46 -5.51
CA GLY A 37 -12.27 16.65 -6.88
C GLY A 37 -11.70 18.01 -7.16
N LEU A 38 -11.24 18.70 -6.12
CA LEU A 38 -10.55 19.99 -6.30
C LEU A 38 -9.10 19.79 -6.73
N LEU A 39 -8.87 18.91 -7.66
CA LEU A 39 -7.49 18.61 -7.99
C LEU A 39 -7.27 19.00 -9.42
N PRO A 40 -6.18 19.74 -9.71
CA PRO A 40 -5.91 19.78 -11.14
C PRO A 40 -5.93 18.35 -11.66
N PHE A 44 0.49 14.47 -16.81
CA PHE A 44 1.21 13.28 -17.27
C PHE A 44 0.29 12.27 -17.97
N GLN A 45 0.48 12.06 -19.27
CA GLN A 45 -0.24 11.01 -20.01
C GLN A 45 0.65 9.78 -19.96
N ASP A 46 0.11 8.68 -19.47
CA ASP A 46 0.90 7.47 -19.24
C ASP A 46 1.30 6.84 -20.59
N SER A 47 2.58 6.62 -20.81
CA SER A 47 2.94 5.85 -22.00
C SER A 47 2.70 4.36 -21.82
N ASP A 48 2.51 3.67 -22.93
CA ASP A 48 2.41 2.24 -22.89
C ASP A 48 3.53 1.50 -22.13
N MET A 49 4.75 2.07 -22.09
CA MET A 49 5.88 1.34 -21.42
C MET A 49 5.54 1.14 -19.95
N LEU A 50 4.56 1.91 -19.44
CA LEU A 50 4.28 1.86 -17.98
C LEU A 50 3.23 0.80 -17.64
N GLU A 51 2.62 0.22 -18.67
CA GLU A 51 1.50 -0.67 -18.41
C GLU A 51 1.98 -2.02 -17.94
N VAL A 52 1.30 -2.59 -17.00
CA VAL A 52 1.72 -3.84 -16.48
C VAL A 52 0.46 -4.71 -16.33
N ARG A 53 0.58 -5.98 -16.65
CA ARG A 53 -0.53 -6.93 -16.50
C ARG A 53 -0.23 -7.91 -15.38
N VAL A 54 -0.96 -7.89 -14.25
CA VAL A 54 -0.71 -8.87 -13.16
C VAL A 54 -1.98 -9.07 -12.39
N LEU A 55 -2.04 -10.05 -11.48
CA LEU A 55 -3.18 -10.16 -10.55
C LEU A 55 -4.50 -10.23 -11.31
N GLY A 56 -4.44 -10.56 -12.61
CA GLY A 56 -5.68 -10.78 -13.40
C GLY A 56 -6.23 -9.48 -13.88
N HIS A 57 -5.38 -8.45 -13.83
CA HIS A 57 -5.68 -7.13 -14.34
C HIS A 57 -4.54 -6.39 -15.18
N LYS A 58 -4.98 -5.42 -15.94
CA LYS A 58 -4.12 -4.48 -16.60
C LYS A 58 -3.99 -3.29 -15.64
N PHE A 59 -2.79 -2.68 -15.54
CA PHE A 59 -2.62 -1.51 -14.63
C PHE A 59 -2.05 -0.48 -15.57
N ARG A 60 -2.75 0.61 -15.84
CA ARG A 60 -2.18 1.54 -16.78
C ARG A 60 -0.78 2.10 -16.42
N ASN A 61 -0.48 2.20 -15.12
CA ASN A 61 0.92 2.55 -14.75
C ASN A 61 1.12 1.80 -13.38
N PRO A 62 2.39 1.57 -12.98
CA PRO A 62 2.61 0.72 -11.83
C PRO A 62 2.67 1.45 -10.49
N VAL A 63 2.22 2.71 -10.44
CA VAL A 63 2.38 3.55 -9.22
C VAL A 63 1.07 3.72 -8.49
N GLY A 64 0.94 3.03 -7.34
CA GLY A 64 -0.35 3.14 -6.60
C GLY A 64 -0.26 3.98 -5.35
N ILE A 65 -1.42 4.32 -4.77
CA ILE A 65 -1.45 5.00 -3.48
C ILE A 65 -1.51 3.87 -2.43
N ALA A 66 -0.56 3.87 -1.50
CA ALA A 66 -0.55 2.82 -0.44
C ALA A 66 -1.76 2.99 0.52
N ALA A 67 -2.09 1.89 1.18
CA ALA A 67 -3.09 1.95 2.25
C ALA A 67 -2.72 2.95 3.30
N GLY A 68 -3.75 3.49 3.97
CA GLY A 68 -3.52 4.41 5.12
C GLY A 68 -3.95 5.81 4.67
N PHE A 69 -3.76 6.16 3.40
CA PHE A 69 -4.13 7.55 3.07
C PHE A 69 -5.67 7.69 3.02
N ASP A 70 -6.26 6.75 2.30
CA ASP A 70 -7.74 6.74 2.19
C ASP A 70 -8.27 5.48 2.91
N LYS A 71 -8.34 5.54 4.23
CA LYS A 71 -8.71 4.37 5.05
C LYS A 71 -10.14 3.98 4.83
N HIS A 72 -11.02 4.95 4.49
CA HIS A 72 -12.48 4.62 4.55
C HIS A 72 -13.06 4.72 3.12
N GLY A 73 -12.24 4.67 2.08
CA GLY A 73 -12.79 4.63 0.73
C GLY A 73 -13.50 5.92 0.33
N GLU A 74 -12.99 7.07 0.77
CA GLU A 74 -13.61 8.40 0.41
C GLU A 74 -13.09 9.13 -0.79
N ALA A 75 -11.94 8.77 -1.34
CA ALA A 75 -11.28 9.71 -2.26
C ALA A 75 -10.80 8.95 -3.47
N VAL A 76 -11.42 7.78 -3.73
CA VAL A 76 -10.87 6.85 -4.71
C VAL A 76 -10.77 7.54 -6.06
N ASP A 77 -11.89 8.13 -6.52
CA ASP A 77 -11.84 8.77 -7.82
C ASP A 77 -10.84 9.94 -7.91
N GLY A 78 -10.70 10.73 -6.85
CA GLY A 78 -9.75 11.87 -6.89
C GLY A 78 -8.35 11.33 -6.87
N LEU A 79 -8.11 10.15 -6.28
CA LEU A 79 -6.74 9.50 -6.38
C LEU A 79 -6.46 9.02 -7.79
N TYR A 80 -7.42 8.45 -8.52
CA TYR A 80 -7.08 8.17 -9.93
C TYR A 80 -6.80 9.50 -10.66
N LYS A 81 -7.64 10.52 -10.38
CA LYS A 81 -7.37 11.79 -11.06
C LYS A 81 -5.93 12.37 -10.74
N MET A 82 -5.38 12.07 -9.54
CA MET A 82 -3.98 12.44 -9.21
C MET A 82 -2.96 11.69 -10.09
N GLY A 83 -3.37 10.62 -10.73
CA GLY A 83 -2.40 9.96 -11.69
C GLY A 83 -2.00 8.56 -11.21
N PHE A 84 -2.54 8.08 -10.06
CA PHE A 84 -2.22 6.73 -9.57
C PHE A 84 -2.78 5.72 -10.51
N GLY A 85 -2.01 4.69 -10.78
CA GLY A 85 -2.42 3.61 -11.68
C GLY A 85 -3.33 2.64 -10.97
N PHE A 86 -3.36 2.70 -9.63
CA PHE A 86 -4.28 1.81 -8.91
C PHE A 86 -4.41 2.38 -7.52
N VAL A 87 -5.57 2.14 -6.90
CA VAL A 87 -5.82 2.71 -5.58
C VAL A 87 -6.05 1.62 -4.59
N GLU A 88 -5.39 1.70 -3.42
CA GLU A 88 -5.75 0.73 -2.37
C GLU A 88 -6.39 1.53 -1.22
N ILE A 89 -7.57 1.12 -0.74
CA ILE A 89 -8.15 1.76 0.43
C ILE A 89 -7.99 0.92 1.66
N GLY A 90 -8.26 1.49 2.84
CA GLY A 90 -8.12 0.71 4.09
C GLY A 90 -6.86 1.16 4.88
N SER A 91 -6.55 0.47 5.99
CA SER A 91 -7.25 -0.79 6.36
C SER A 91 -8.66 -0.54 6.92
N VAL A 92 -9.58 -1.44 6.59
CA VAL A 92 -10.92 -1.37 7.09
C VAL A 92 -11.16 -2.51 8.12
N THR A 93 -11.78 -2.18 9.26
CA THR A 93 -11.99 -3.20 10.28
C THR A 93 -13.51 -3.58 10.22
N PRO A 94 -13.86 -4.73 10.79
CA PRO A 94 -15.31 -5.16 10.67
C PRO A 94 -16.29 -4.15 11.28
N LYS A 95 -16.10 -3.77 12.55
CA LYS A 95 -16.92 -2.78 13.20
C LYS A 95 -16.14 -1.47 13.15
N PRO A 96 -16.87 -0.35 13.17
CA PRO A 96 -16.20 0.94 13.34
C PRO A 96 -15.35 0.99 14.63
N GLN A 97 -14.27 1.72 14.59
CA GLN A 97 -13.56 1.96 15.84
C GLN A 97 -12.67 3.19 15.69
N GLU A 98 -12.38 3.83 16.80
CA GLU A 98 -11.80 5.16 16.71
C GLU A 98 -10.28 5.17 16.52
N GLY A 99 -9.62 4.09 16.85
CA GLY A 99 -8.10 4.03 16.81
C GLY A 99 -7.51 4.68 18.08
N ASN A 100 -6.20 4.96 18.09
CA ASN A 100 -5.54 5.52 19.33
C ASN A 100 -5.88 6.94 19.59
N PRO A 101 -5.67 7.42 20.83
CA PRO A 101 -5.85 8.88 21.10
C PRO A 101 -4.88 9.75 20.36
N ARG A 102 -5.20 11.03 20.13
CA ARG A 102 -4.39 11.97 19.41
C ARG A 102 -3.52 12.77 20.37
N PRO A 103 -2.31 13.17 19.94
CA PRO A 103 -1.69 12.97 18.66
C PRO A 103 -1.13 11.56 18.35
N ARG A 104 -1.28 11.13 17.09
CA ARG A 104 -0.91 9.75 16.77
C ARG A 104 -0.24 9.73 15.40
N VAL A 105 0.09 10.92 14.88
CA VAL A 105 0.79 11.03 13.60
C VAL A 105 1.87 12.11 13.81
N PHE A 106 3.11 11.83 13.40
CA PHE A 106 4.22 12.75 13.70
C PHE A 106 5.09 12.88 12.46
N ARG A 107 5.49 14.11 12.13
CA ARG A 107 6.34 14.25 10.97
C ARG A 107 7.83 14.38 11.40
N LEU A 108 8.76 13.86 10.56
CA LEU A 108 10.19 13.94 10.86
C LEU A 108 10.74 14.60 9.60
N PRO A 109 10.57 15.92 9.47
CA PRO A 109 10.94 16.49 8.15
C PRO A 109 12.49 16.36 7.81
N GLU A 110 13.35 16.40 8.80
CA GLU A 110 14.83 16.28 8.53
C GLU A 110 15.14 14.89 7.98
N ASP A 111 14.18 13.92 8.13
CA ASP A 111 14.46 12.57 7.66
C ASP A 111 13.58 12.20 6.48
N GLN A 112 12.70 13.10 6.07
CA GLN A 112 11.62 12.86 5.09
C GLN A 112 10.89 11.59 5.52
N ALA A 113 10.48 11.55 6.78
CA ALA A 113 9.87 10.35 7.34
C ALA A 113 8.61 10.79 8.10
N VAL A 114 7.74 9.79 8.40
CA VAL A 114 6.60 9.99 9.27
C VAL A 114 6.60 8.84 10.27
N ILE A 115 6.07 9.08 11.50
CA ILE A 115 5.80 7.96 12.37
C ILE A 115 4.29 8.05 12.68
N ASN A 116 3.56 6.95 12.53
CA ASN A 116 2.15 7.01 12.91
C ASN A 116 1.78 5.85 13.80
N ARG A 117 0.77 6.11 14.66
CA ARG A 117 0.23 5.03 15.47
C ARG A 117 -1.29 5.24 15.49
N TYR A 118 -1.86 5.31 14.29
CA TYR A 118 -3.35 5.46 14.23
C TYR A 118 -4.12 4.37 14.95
N GLY A 119 -3.67 3.12 14.81
CA GLY A 119 -4.32 1.97 15.44
C GLY A 119 -5.64 1.58 14.72
N PHE A 120 -5.66 1.64 13.40
CA PHE A 120 -6.82 1.14 12.62
C PHE A 120 -8.09 1.93 13.02
N ASN A 121 -8.01 3.24 13.02
CA ASN A 121 -9.22 4.04 13.00
C ASN A 121 -9.98 3.69 11.70
N SER A 122 -11.24 3.29 11.83
CA SER A 122 -11.94 2.80 10.62
C SER A 122 -13.48 3.05 10.76
N HIS A 123 -14.10 3.56 9.70
CA HIS A 123 -15.56 3.63 9.61
C HIS A 123 -16.25 2.25 9.69
N GLY A 124 -15.47 1.18 9.47
CA GLY A 124 -16.04 -0.17 9.51
C GLY A 124 -16.50 -0.66 8.15
N LEU A 125 -16.71 -1.98 8.05
CA LEU A 125 -17.09 -2.56 6.77
C LEU A 125 -18.41 -2.05 6.18
N SER A 126 -19.44 -1.91 7.02
CA SER A 126 -20.77 -1.51 6.41
C SER A 126 -20.70 -0.15 5.71
N VAL A 127 -20.12 0.81 6.41
CA VAL A 127 -19.98 2.11 5.83
C VAL A 127 -19.17 2.08 4.54
N VAL A 128 -17.99 1.44 4.55
CA VAL A 128 -17.15 1.43 3.37
C VAL A 128 -17.86 0.64 2.28
N GLU A 129 -18.61 -0.41 2.69
CA GLU A 129 -19.36 -1.18 1.67
C GLU A 129 -20.38 -0.29 0.90
N HIS A 130 -21.18 0.48 1.66
CA HIS A 130 -22.14 1.33 0.94
C HIS A 130 -21.46 2.39 0.09
N ARG A 131 -20.36 2.93 0.59
CA ARG A 131 -19.63 3.93 -0.15
C ARG A 131 -19.09 3.36 -1.47
N LEU A 132 -18.55 2.16 -1.45
CA LEU A 132 -18.10 1.58 -2.69
C LEU A 132 -19.25 1.15 -3.59
N ARG A 133 -20.34 0.66 -2.99
CA ARG A 133 -21.48 0.30 -3.87
C ARG A 133 -22.03 1.48 -4.64
N ALA A 134 -21.89 2.68 -4.08
CA ALA A 134 -22.46 3.88 -4.76
C ALA A 134 -21.70 4.17 -6.08
N ARG A 135 -20.51 3.58 -6.23
CA ARG A 135 -19.74 3.83 -7.45
C ARG A 135 -19.24 2.53 -8.07
N GLN A 136 -19.92 1.42 -7.73
CA GLN A 136 -19.43 0.08 -8.11
C GLN A 136 -19.30 -0.04 -9.63
N GLN A 137 -20.32 0.46 -10.37
CA GLN A 137 -20.27 0.24 -11.82
C GLN A 137 -19.25 1.20 -12.39
N LYS A 138 -19.11 2.35 -11.79
CA LYS A 138 -18.04 3.21 -12.26
C LYS A 138 -16.66 2.58 -12.06
N GLN A 139 -16.48 1.87 -10.91
CA GLN A 139 -15.19 1.18 -10.65
C GLN A 139 -15.00 0.06 -11.66
N ALA A 140 -16.09 -0.64 -12.01
CA ALA A 140 -15.93 -1.70 -13.03
C ALA A 140 -15.39 -1.18 -14.32
N LYS A 141 -15.83 0.00 -14.75
CA LYS A 141 -15.31 0.56 -15.99
C LYS A 141 -13.87 1.09 -15.81
N LEU A 142 -13.58 1.72 -14.68
CA LEU A 142 -12.15 2.12 -14.38
C LEU A 142 -11.23 0.90 -14.39
N THR A 143 -11.64 -0.18 -13.71
CA THR A 143 -10.84 -1.35 -13.71
C THR A 143 -10.60 -1.87 -15.16
N GLU A 144 -11.67 -2.02 -15.93
CA GLU A 144 -11.51 -2.51 -17.31
C GLU A 144 -10.60 -1.57 -18.09
N ASP A 145 -10.59 -0.30 -17.75
CA ASP A 145 -9.68 0.60 -18.37
C ASP A 145 -8.26 0.61 -17.83
N GLY A 146 -7.92 -0.32 -16.92
CA GLY A 146 -6.53 -0.34 -16.44
C GLY A 146 -6.28 0.38 -15.12
N LEU A 147 -7.37 0.67 -14.37
CA LEU A 147 -7.27 1.36 -13.07
C LEU A 147 -7.93 0.57 -11.93
N PRO A 148 -7.24 -0.45 -11.44
CA PRO A 148 -7.88 -1.34 -10.51
C PRO A 148 -7.95 -0.81 -9.06
N LEU A 149 -8.72 -1.50 -8.25
CA LEU A 149 -8.99 -1.08 -6.85
C LEU A 149 -8.64 -2.21 -5.90
N GLY A 150 -7.83 -1.93 -4.89
CA GLY A 150 -7.53 -2.90 -3.83
C GLY A 150 -8.24 -2.41 -2.57
N VAL A 151 -8.61 -3.40 -1.76
CA VAL A 151 -9.16 -3.15 -0.47
C VAL A 151 -8.36 -3.85 0.60
N ASN A 152 -7.83 -3.07 1.56
CA ASN A 152 -6.98 -3.63 2.58
C ASN A 152 -7.79 -3.87 3.91
N LEU A 153 -7.73 -5.10 4.43
CA LEU A 153 -8.56 -5.57 5.56
C LEU A 153 -7.73 -5.62 6.87
N GLY A 154 -8.26 -5.11 7.97
CA GLY A 154 -7.64 -5.19 9.27
C GLY A 154 -8.62 -5.88 10.23
N LYS A 155 -8.32 -5.82 11.50
CA LYS A 155 -9.14 -6.50 12.47
C LYS A 155 -9.38 -5.59 13.63
N ASN A 156 -10.49 -5.79 14.31
CA ASN A 156 -10.85 -4.87 15.35
C ASN A 156 -9.93 -5.10 16.60
N LYS A 157 -9.76 -4.02 17.34
CA LYS A 157 -8.91 -4.09 18.54
C LYS A 157 -9.43 -5.14 19.52
N THR A 158 -10.71 -5.16 19.82
CA THR A 158 -11.15 -6.14 20.85
C THR A 158 -11.75 -7.45 20.27
N SER A 159 -11.46 -7.75 19.00
CA SER A 159 -11.98 -9.03 18.45
C SER A 159 -11.33 -10.23 19.08
N VAL A 160 -12.09 -11.30 19.22
CA VAL A 160 -11.54 -12.50 19.84
C VAL A 160 -11.27 -13.62 18.85
N ASP A 161 -11.32 -13.32 17.57
CA ASP A 161 -11.11 -14.33 16.58
C ASP A 161 -10.66 -13.57 15.34
N ALA A 162 -9.35 -13.40 15.23
CA ALA A 162 -8.79 -12.60 14.16
C ALA A 162 -9.24 -13.12 12.82
N ALA A 163 -9.13 -14.42 12.65
CA ALA A 163 -9.46 -14.97 11.35
C ALA A 163 -10.90 -14.66 10.93
N GLU A 164 -11.86 -14.68 11.84
CA GLU A 164 -13.24 -14.38 11.47
C GLU A 164 -13.35 -12.86 11.11
N ASP A 165 -12.61 -11.95 11.79
CA ASP A 165 -12.59 -10.55 11.28
C ASP A 165 -12.15 -10.51 9.80
N TYR A 166 -11.06 -11.18 9.41
CA TYR A 166 -10.66 -11.09 7.99
C TYR A 166 -11.72 -11.75 7.13
N ALA A 167 -12.24 -12.89 7.60
CA ALA A 167 -13.22 -13.59 6.76
C ALA A 167 -14.40 -12.69 6.46
N GLU A 168 -14.87 -11.98 7.47
CA GLU A 168 -15.95 -11.00 7.31
C GLU A 168 -15.60 -9.87 6.28
N GLY A 169 -14.37 -9.38 6.35
CA GLY A 169 -13.87 -8.45 5.36
C GLY A 169 -13.98 -9.02 3.94
N VAL A 170 -13.57 -10.28 3.81
CA VAL A 170 -13.62 -10.94 2.49
C VAL A 170 -15.07 -10.96 2.00
N ARG A 171 -16.00 -11.39 2.89
CA ARG A 171 -17.43 -11.56 2.50
C ARG A 171 -18.05 -10.21 2.07
N VAL A 172 -17.69 -9.15 2.78
CA VAL A 172 -18.46 -7.88 2.60
C VAL A 172 -17.78 -7.02 1.54
N LEU A 173 -16.42 -6.90 1.57
CA LEU A 173 -15.76 -6.05 0.58
C LEU A 173 -15.10 -6.80 -0.57
N GLY A 174 -14.89 -8.11 -0.42
CA GLY A 174 -14.33 -8.83 -1.54
C GLY A 174 -15.08 -8.69 -2.83
N PRO A 175 -16.42 -8.61 -2.74
CA PRO A 175 -17.15 -8.46 -4.03
C PRO A 175 -16.98 -7.13 -4.69
N LEU A 176 -16.39 -6.18 -3.98
CA LEU A 176 -16.21 -4.87 -4.57
C LEU A 176 -14.77 -4.55 -4.95
N ALA A 177 -13.86 -5.53 -4.88
CA ALA A 177 -12.41 -5.22 -4.98
C ALA A 177 -11.82 -6.05 -6.10
N ASP A 178 -10.76 -5.53 -6.74
CA ASP A 178 -9.99 -6.34 -7.65
C ASP A 178 -9.03 -7.16 -6.84
N TYR A 179 -8.50 -6.61 -5.72
CA TYR A 179 -7.70 -7.50 -4.85
C TYR A 179 -7.94 -7.09 -3.43
N LEU A 180 -7.77 -8.05 -2.52
CA LEU A 180 -7.89 -7.83 -1.10
C LEU A 180 -6.50 -7.97 -0.51
N VAL A 181 -6.29 -7.29 0.60
CA VAL A 181 -4.96 -7.40 1.28
C VAL A 181 -5.28 -7.85 2.66
N VAL A 182 -4.67 -8.94 3.07
CA VAL A 182 -4.70 -9.37 4.47
C VAL A 182 -3.50 -8.72 5.15
N ASN A 183 -3.84 -7.66 5.86
CA ASN A 183 -2.87 -6.86 6.53
C ASN A 183 -2.57 -7.45 7.88
N VAL A 184 -1.48 -8.22 7.96
CA VAL A 184 -1.09 -8.77 9.25
C VAL A 184 0.24 -8.08 9.75
N SER A 185 0.44 -6.83 9.35
CA SER A 185 1.73 -6.19 9.61
C SER A 185 1.65 -4.79 10.21
N SER A 186 0.43 -4.33 10.60
CA SER A 186 0.43 -3.04 11.33
C SER A 186 1.26 -3.21 12.61
N PRO A 187 2.16 -2.25 12.92
CA PRO A 187 2.81 -2.34 14.24
C PRO A 187 1.93 -1.77 15.36
N ASN A 188 0.75 -1.29 15.05
CA ASN A 188 -0.06 -0.49 16.00
C ASN A 188 -1.28 -1.19 16.50
N THR A 189 -1.32 -2.52 16.30
CA THR A 189 -2.39 -3.33 16.90
C THR A 189 -1.76 -4.51 17.62
N ALA A 190 -2.03 -4.62 18.94
CA ALA A 190 -1.37 -5.61 19.85
C ALA A 190 -1.55 -7.05 19.33
N GLY A 191 -0.47 -7.81 19.18
CA GLY A 191 -0.57 -9.20 18.73
C GLY A 191 -0.74 -9.43 17.23
N LEU A 192 -1.04 -8.38 16.49
CA LEU A 192 -1.38 -8.57 15.07
C LEU A 192 -0.23 -9.22 14.28
N ARG A 193 0.98 -8.74 14.52
CA ARG A 193 2.10 -9.16 13.69
C ARG A 193 2.48 -10.61 13.96
N SER A 194 2.05 -11.17 15.11
CA SER A 194 2.26 -12.61 15.35
C SER A 194 1.40 -13.49 14.41
N LEU A 195 0.41 -12.90 13.72
CA LEU A 195 -0.33 -13.65 12.64
C LEU A 195 0.55 -13.97 11.43
N GLN A 196 1.72 -13.34 11.34
CA GLN A 196 2.70 -13.63 10.28
C GLN A 196 3.47 -14.97 10.60
N GLY A 197 3.37 -15.45 11.81
CA GLY A 197 4.00 -16.77 12.13
C GLY A 197 3.45 -17.89 11.24
N LYS A 198 4.29 -18.91 10.98
CA LYS A 198 3.89 -19.95 10.04
C LYS A 198 2.47 -20.59 10.25
N ALA A 199 2.24 -21.12 11.45
CA ALA A 199 1.05 -21.95 11.65
C ALA A 199 -0.22 -21.02 11.74
N GLU A 200 -0.13 -19.89 12.44
CA GLU A 200 -1.20 -18.86 12.48
C GLU A 200 -1.50 -18.39 11.08
N LEU A 201 -0.45 -18.07 10.32
CA LEU A 201 -0.63 -17.59 9.00
C LEU A 201 -1.34 -18.65 8.15
N ARG A 202 -0.90 -19.92 8.21
CA ARG A 202 -1.45 -20.87 7.27
C ARG A 202 -2.98 -21.04 7.58
N ARG A 203 -3.30 -21.13 8.86
CA ARG A 203 -4.68 -21.30 9.28
C ARG A 203 -5.53 -20.08 8.89
N LEU A 204 -5.03 -18.89 9.16
CA LEU A 204 -5.73 -17.66 8.78
C LEU A 204 -5.94 -17.59 7.29
N LEU A 205 -4.89 -17.87 6.51
CA LEU A 205 -5.04 -17.65 5.08
C LEU A 205 -5.87 -18.78 4.44
N THR A 206 -5.79 -19.98 5.00
CA THR A 206 -6.69 -21.01 4.45
C THR A 206 -8.15 -20.55 4.54
N LYS A 207 -8.52 -20.03 5.69
CA LYS A 207 -9.87 -19.56 5.90
C LYS A 207 -10.22 -18.39 4.94
N VAL A 208 -9.30 -17.41 4.88
CA VAL A 208 -9.52 -16.31 3.90
C VAL A 208 -9.75 -16.81 2.49
N LEU A 209 -8.85 -17.68 2.02
CA LEU A 209 -9.02 -18.12 0.63
C LEU A 209 -10.31 -18.95 0.42
N GLN A 210 -10.71 -19.77 1.40
CA GLN A 210 -11.96 -20.53 1.22
C GLN A 210 -13.13 -19.53 1.07
N GLU A 211 -13.10 -18.48 1.88
CA GLU A 211 -14.17 -17.45 1.84
C GLU A 211 -14.11 -16.75 0.49
N ARG A 212 -12.91 -16.40 -0.03
CA ARG A 212 -12.78 -15.71 -1.32
C ARG A 212 -13.29 -16.64 -2.40
N ASP A 213 -12.89 -17.92 -2.33
CA ASP A 213 -13.26 -18.85 -3.44
C ASP A 213 -14.80 -19.11 -3.47
N GLY A 214 -15.46 -18.88 -2.35
CA GLY A 214 -16.95 -18.97 -2.25
C GLY A 214 -17.69 -17.78 -2.92
N LEU A 215 -16.97 -16.76 -3.36
CA LEU A 215 -17.67 -15.65 -4.03
C LEU A 215 -17.92 -15.98 -5.49
N ARG A 216 -18.94 -15.37 -6.08
CA ARG A 216 -19.20 -15.56 -7.53
C ARG A 216 -18.07 -15.06 -8.36
N ARG A 217 -17.86 -15.70 -9.52
CA ARG A 217 -16.63 -15.44 -10.28
C ARG A 217 -16.39 -14.00 -10.62
N VAL A 218 -17.39 -13.24 -11.05
CA VAL A 218 -17.07 -11.84 -11.33
C VAL A 218 -16.79 -10.96 -10.09
N HIS A 219 -17.04 -11.46 -8.89
CA HIS A 219 -16.81 -10.74 -7.65
C HIS A 219 -15.72 -11.42 -6.85
N ARG A 220 -14.82 -12.11 -7.54
CA ARG A 220 -13.85 -12.91 -6.82
C ARG A 220 -12.46 -12.21 -6.92
N PRO A 221 -11.99 -11.57 -5.82
CA PRO A 221 -10.73 -10.79 -5.89
C PRO A 221 -9.48 -11.69 -5.73
N ALA A 222 -8.33 -11.25 -6.28
CA ALA A 222 -7.02 -11.78 -5.84
C ALA A 222 -6.85 -11.49 -4.34
N VAL A 223 -6.07 -12.34 -3.66
CA VAL A 223 -5.73 -12.12 -2.23
C VAL A 223 -4.22 -11.98 -2.08
N LEU A 224 -3.78 -10.86 -1.46
CA LEU A 224 -2.37 -10.65 -1.14
C LEU A 224 -2.22 -10.55 0.37
N VAL A 225 -0.98 -10.77 0.83
CA VAL A 225 -0.68 -10.69 2.29
C VAL A 225 0.32 -9.54 2.38
N LYS A 226 0.02 -8.54 3.23
CA LYS A 226 0.98 -7.47 3.41
C LYS A 226 1.87 -7.75 4.68
N ILE A 227 3.20 -7.68 4.52
CA ILE A 227 4.10 -8.07 5.56
C ILE A 227 4.98 -6.91 6.05
N ALA A 228 5.49 -7.09 7.23
CA ALA A 228 6.35 -6.11 7.86
C ALA A 228 7.74 -6.10 7.23
N PRO A 229 8.50 -5.01 7.44
CA PRO A 229 9.89 -5.02 7.04
C PRO A 229 10.78 -5.54 8.22
N ASP A 230 10.19 -5.93 9.32
CA ASP A 230 10.98 -6.25 10.53
C ASP A 230 11.09 -7.78 10.79
N LEU A 231 10.93 -8.59 9.77
CA LEU A 231 10.76 -10.06 10.04
C LEU A 231 12.11 -10.69 10.09
N THR A 232 12.23 -11.79 10.85
CA THR A 232 13.48 -12.55 10.80
C THR A 232 13.66 -13.28 9.48
N SER A 233 14.86 -13.80 9.22
CA SER A 233 14.99 -14.62 8.02
C SER A 233 14.06 -15.83 8.14
N GLN A 234 13.92 -16.39 9.33
CA GLN A 234 13.03 -17.59 9.47
C GLN A 234 11.54 -17.26 9.13
N ASP A 235 11.11 -16.05 9.56
CA ASP A 235 9.74 -15.63 9.34
C ASP A 235 9.50 -15.49 7.82
N LYS A 236 10.48 -14.92 7.14
CA LYS A 236 10.35 -14.74 5.69
C LYS A 236 10.28 -16.09 4.97
N GLU A 237 11.18 -17.02 5.35
CA GLU A 237 11.12 -18.39 4.79
C GLU A 237 9.77 -19.04 5.00
N ASP A 238 9.21 -18.94 6.22
CA ASP A 238 7.91 -19.53 6.54
C ASP A 238 6.82 -18.89 5.71
N ILE A 239 6.84 -17.55 5.60
CA ILE A 239 5.84 -16.90 4.72
C ILE A 239 5.89 -17.35 3.27
N ALA A 240 7.09 -17.43 2.71
CA ALA A 240 7.25 -17.84 1.35
C ALA A 240 6.65 -19.23 1.20
N SER A 241 6.93 -20.12 2.15
CA SER A 241 6.47 -21.49 2.06
C SER A 241 4.90 -21.56 2.13
N VAL A 242 4.33 -20.85 3.05
CA VAL A 242 2.87 -20.81 3.18
C VAL A 242 2.21 -20.26 1.91
N VAL A 243 2.76 -19.18 1.37
CA VAL A 243 2.20 -18.53 0.23
C VAL A 243 2.23 -19.47 -0.97
N LYS A 244 3.31 -20.22 -1.10
CA LYS A 244 3.36 -21.20 -2.21
C LYS A 244 2.47 -22.41 -1.97
N GLU A 245 2.44 -22.93 -0.76
CA GLU A 245 1.58 -24.07 -0.41
C GLU A 245 0.06 -23.71 -0.68
N LEU A 246 -0.34 -22.45 -0.37
CA LEU A 246 -1.76 -22.11 -0.44
C LEU A 246 -2.15 -21.49 -1.78
N GLY A 247 -1.17 -21.12 -2.59
CA GLY A 247 -1.46 -20.44 -3.84
C GLY A 247 -1.94 -18.99 -3.55
N ILE A 248 -1.48 -18.39 -2.46
CA ILE A 248 -1.69 -16.89 -2.30
C ILE A 248 -1.35 -16.16 -3.59
N ASP A 249 -2.13 -15.17 -3.99
CA ASP A 249 -1.88 -14.50 -5.25
C ASP A 249 -0.74 -13.47 -5.28
N GLY A 250 -0.37 -12.89 -4.12
CA GLY A 250 0.69 -11.91 -4.13
C GLY A 250 1.01 -11.45 -2.72
N LEU A 251 2.03 -10.61 -2.61
CA LEU A 251 2.51 -10.06 -1.35
C LEU A 251 2.62 -8.56 -1.53
N ILE A 252 2.36 -7.85 -0.44
CA ILE A 252 2.65 -6.44 -0.46
C ILE A 252 3.81 -6.24 0.58
N VAL A 253 4.86 -5.54 0.12
CA VAL A 253 6.15 -5.58 0.90
C VAL A 253 6.71 -4.14 0.75
N THR A 254 6.64 -3.30 1.80
CA THR A 254 6.31 -3.71 3.16
C THR A 254 5.46 -2.70 3.83
N ASN A 255 4.97 -3.08 5.02
CA ASN A 255 4.39 -2.09 5.95
C ASN A 255 5.47 -1.14 6.56
N THR A 256 5.07 -0.34 7.55
CA THR A 256 6.03 0.51 8.23
C THR A 256 6.92 -0.31 9.22
N THR A 257 8.03 0.29 9.66
CA THR A 257 9.01 -0.43 10.47
C THR A 257 8.91 0.07 11.94
N VAL A 258 9.04 -0.86 12.87
CA VAL A 258 9.14 -0.46 14.25
C VAL A 258 10.63 -0.23 14.59
N SER A 259 11.53 -0.37 13.63
CA SER A 259 12.96 -0.08 13.92
C SER A 259 13.16 1.45 13.88
N ARG A 260 14.30 1.98 14.38
CA ARG A 260 14.57 3.43 14.29
C ARG A 260 16.04 3.43 13.82
N PRO A 261 16.27 3.41 12.48
CA PRO A 261 17.63 3.30 11.91
C PRO A 261 18.49 4.32 12.59
N ALA A 262 19.78 4.00 12.74
CA ALA A 262 20.77 4.99 13.24
C ALA A 262 20.73 6.13 12.24
N GLY A 263 20.80 7.37 12.71
CA GLY A 263 20.95 8.55 11.90
C GLY A 263 19.68 9.38 11.83
N LEU A 264 18.55 8.86 12.30
CA LEU A 264 17.32 9.73 12.35
C LEU A 264 17.60 10.99 13.09
N GLN A 265 17.17 12.13 12.52
CA GLN A 265 17.44 13.41 13.19
C GLN A 265 16.17 14.06 13.74
N GLY A 266 14.98 13.64 13.27
CA GLY A 266 13.77 14.39 13.67
C GLY A 266 13.62 14.36 15.20
N ALA A 267 13.11 15.46 15.77
CA ALA A 267 12.97 15.53 17.26
C ALA A 267 12.02 14.42 17.75
N LEU A 268 11.13 14.00 16.85
CA LEU A 268 10.06 13.04 17.24
C LEU A 268 10.42 11.59 16.93
N ARG A 269 11.69 11.31 16.67
CA ARG A 269 12.09 9.94 16.29
C ARG A 269 11.80 8.84 17.32
N SER A 270 11.67 9.17 18.62
CA SER A 270 11.43 8.12 19.60
C SER A 270 9.91 8.00 19.95
N GLU A 271 9.04 8.66 19.20
CA GLU A 271 7.59 8.36 19.26
C GLU A 271 7.35 6.90 18.90
N THR A 272 6.43 6.23 19.65
CA THR A 272 5.95 4.89 19.29
C THR A 272 5.17 4.92 17.96
N GLY A 273 5.33 3.88 17.12
CA GLY A 273 4.52 3.76 15.91
C GLY A 273 5.34 3.22 14.76
N GLY A 274 4.75 3.22 13.57
CA GLY A 274 5.47 2.69 12.39
C GLY A 274 6.12 3.87 11.75
N LEU A 275 7.37 3.67 11.37
CA LEU A 275 8.13 4.69 10.61
C LEU A 275 8.04 4.41 9.14
N SER A 276 7.75 5.46 8.33
CA SER A 276 7.63 5.33 6.92
C SER A 276 8.56 6.38 6.20
N GLY A 277 8.60 6.39 4.87
CA GLY A 277 9.46 7.44 4.25
C GLY A 277 10.86 6.95 3.98
N LYS A 278 11.74 7.89 3.66
CA LYS A 278 13.08 7.53 3.17
C LYS A 278 13.86 6.60 4.04
N PRO A 279 13.82 6.74 5.39
CA PRO A 279 14.61 5.79 6.14
C PRO A 279 14.15 4.32 6.03
N LEU A 280 12.92 4.08 5.58
CA LEU A 280 12.39 2.72 5.39
C LEU A 280 12.77 2.22 3.96
N ARG A 281 13.17 3.09 3.08
CA ARG A 281 13.20 2.74 1.69
C ARG A 281 14.03 1.43 1.43
N ASP A 282 15.31 1.39 1.80
CA ASP A 282 16.12 0.23 1.34
C ASP A 282 15.84 -1.02 2.15
N LEU A 283 15.45 -0.87 3.40
CA LEU A 283 15.00 -2.01 4.16
C LEU A 283 13.83 -2.67 3.44
N SER A 284 12.88 -1.87 2.94
CA SER A 284 11.75 -2.44 2.12
C SER A 284 12.24 -3.05 0.83
N THR A 285 13.11 -2.34 0.12
CA THR A 285 13.65 -2.92 -1.12
C THR A 285 14.32 -4.23 -0.90
N GLN A 286 15.08 -4.34 0.21
CA GLN A 286 15.82 -5.59 0.44
C GLN A 286 14.82 -6.71 0.78
N THR A 287 13.76 -6.37 1.53
CA THR A 287 12.70 -7.37 1.82
C THR A 287 12.00 -7.89 0.53
N ILE A 288 11.71 -6.99 -0.34
CA ILE A 288 11.17 -7.44 -1.69
C ILE A 288 12.13 -8.37 -2.37
N ARG A 289 13.38 -7.97 -2.40
CA ARG A 289 14.42 -8.77 -3.04
C ARG A 289 14.48 -10.22 -2.47
N GLU A 290 14.51 -10.33 -1.13
CA GLU A 290 14.48 -11.64 -0.51
C GLU A 290 13.17 -12.39 -0.84
N MET A 291 11.98 -11.74 -0.71
CA MET A 291 10.71 -12.52 -0.91
C MET A 291 10.60 -13.00 -2.39
N TYR A 292 11.10 -12.17 -3.32
CA TYR A 292 11.04 -12.49 -4.72
C TYR A 292 11.89 -13.81 -4.93
N ALA A 293 13.09 -13.82 -4.36
CA ALA A 293 13.98 -15.01 -4.49
C ALA A 293 13.36 -16.22 -3.77
N LEU A 294 12.83 -16.06 -2.58
CA LEU A 294 12.28 -17.22 -1.90
C LEU A 294 11.02 -17.76 -2.63
N THR A 295 10.34 -16.94 -3.42
CA THR A 295 9.14 -17.46 -4.13
C THR A 295 9.46 -17.69 -5.62
N GLN A 296 10.74 -17.68 -5.93
CA GLN A 296 11.18 -17.96 -7.30
C GLN A 296 10.63 -17.06 -8.31
N GLY A 297 10.35 -15.80 -7.96
CA GLY A 297 9.77 -14.92 -8.98
C GLY A 297 8.36 -15.28 -9.42
N ARG A 298 7.70 -16.24 -8.80
CA ARG A 298 6.40 -16.66 -9.30
C ARG A 298 5.22 -15.99 -8.57
N VAL A 299 5.47 -15.17 -7.55
CA VAL A 299 4.36 -14.59 -6.76
C VAL A 299 4.45 -13.04 -6.94
N PRO A 300 3.44 -12.41 -7.57
CA PRO A 300 3.55 -10.96 -7.77
C PRO A 300 3.80 -10.19 -6.45
N ILE A 301 4.68 -9.17 -6.47
CA ILE A 301 4.88 -8.36 -5.28
C ILE A 301 4.56 -6.90 -5.59
N ILE A 302 3.89 -6.27 -4.63
CA ILE A 302 3.70 -4.84 -4.76
C ILE A 302 4.69 -4.26 -3.75
N GLY A 303 5.59 -3.40 -4.28
CA GLY A 303 6.72 -2.95 -3.47
C GLY A 303 6.35 -1.60 -2.87
N VAL A 304 6.60 -1.39 -1.56
CA VAL A 304 6.16 -0.09 -1.03
C VAL A 304 7.06 0.21 0.17
N GLY A 305 7.46 1.49 0.28
CA GLY A 305 8.28 1.88 1.44
C GLY A 305 9.33 2.85 0.92
N GLY A 306 9.12 4.16 1.18
CA GLY A 306 10.11 5.21 0.85
C GLY A 306 10.23 5.53 -0.61
N VAL A 307 9.18 5.34 -1.42
CA VAL A 307 9.33 5.63 -2.84
C VAL A 307 9.03 7.09 -3.02
N SER A 308 9.99 7.83 -3.56
CA SER A 308 9.72 9.21 -3.75
C SER A 308 10.23 9.69 -5.14
N SER A 309 10.74 8.75 -5.95
CA SER A 309 11.28 9.14 -7.23
C SER A 309 11.28 7.95 -8.20
N GLY A 310 11.64 8.22 -9.46
CA GLY A 310 11.64 7.16 -10.44
C GLY A 310 12.68 6.12 -10.06
N GLN A 311 13.84 6.58 -9.62
CA GLN A 311 14.90 5.61 -9.27
C GLN A 311 14.41 4.77 -8.12
N ASP A 312 13.74 5.37 -7.12
CA ASP A 312 13.25 4.54 -6.00
C ASP A 312 12.31 3.42 -6.53
N ALA A 313 11.41 3.79 -7.42
CA ALA A 313 10.46 2.81 -8.00
C ALA A 313 11.14 1.76 -8.77
N LEU A 314 12.11 2.15 -9.61
CA LEU A 314 12.79 1.15 -10.43
C LEU A 314 13.64 0.25 -9.62
N GLU A 315 14.19 0.74 -8.50
CA GLU A 315 14.97 -0.19 -7.68
C GLU A 315 14.11 -1.33 -7.15
N LYS A 316 12.89 -0.99 -6.69
CA LYS A 316 12.02 -2.02 -6.17
C LYS A 316 11.55 -2.88 -7.31
N ILE A 317 11.19 -2.30 -8.44
CA ILE A 317 10.84 -3.19 -9.61
C ILE A 317 11.99 -4.15 -10.00
N ARG A 318 13.23 -3.63 -10.16
CA ARG A 318 14.36 -4.57 -10.43
C ARG A 318 14.61 -5.61 -9.34
N ALA A 319 14.25 -5.26 -8.10
CA ALA A 319 14.40 -6.21 -7.01
C ALA A 319 13.30 -7.27 -6.99
N GLY A 320 12.19 -7.04 -7.72
CA GLY A 320 11.17 -8.11 -7.84
C GLY A 320 9.76 -7.54 -7.76
N ALA A 321 9.58 -6.25 -7.64
CA ALA A 321 8.17 -5.74 -7.59
C ALA A 321 7.53 -5.58 -8.94
N SER A 322 6.28 -6.08 -9.12
CA SER A 322 5.52 -5.85 -10.31
C SER A 322 4.84 -4.46 -10.34
N LEU A 323 4.62 -3.88 -9.16
CA LEU A 323 3.87 -2.64 -8.97
C LEU A 323 4.52 -2.03 -7.72
N VAL A 324 4.40 -0.71 -7.61
CA VAL A 324 4.86 -0.08 -6.36
C VAL A 324 3.75 0.85 -5.83
N GLN A 325 3.85 1.24 -4.56
CA GLN A 325 2.97 2.25 -4.01
C GLN A 325 3.81 3.28 -3.26
N LEU A 326 3.17 4.43 -2.96
CA LEU A 326 3.83 5.37 -2.11
C LEU A 326 2.66 6.01 -1.26
N TYR A 327 3.04 6.56 -0.11
CA TYR A 327 2.19 7.43 0.65
C TYR A 327 3.05 8.58 1.17
N THR A 328 4.01 8.28 2.00
CA THR A 328 4.73 9.36 2.76
C THR A 328 5.30 10.48 1.85
N ALA A 329 5.83 10.12 0.67
CA ALA A 329 6.33 11.15 -0.25
C ALA A 329 5.28 12.20 -0.57
N LEU A 330 4.04 11.75 -0.71
CA LEU A 330 2.91 12.73 -1.03
C LEU A 330 2.78 13.75 0.10
N THR A 331 3.14 13.39 1.34
CA THR A 331 2.97 14.32 2.45
C THR A 331 4.07 15.33 2.46
N PHE A 332 5.18 15.07 1.76
CA PHE A 332 6.22 16.09 1.71
C PHE A 332 6.18 16.87 0.40
N TRP A 333 5.86 16.21 -0.74
CA TRP A 333 6.05 16.85 -2.05
C TRP A 333 4.69 17.23 -2.68
N GLY A 334 3.62 16.64 -2.14
CA GLY A 334 2.21 16.87 -2.60
C GLY A 334 2.02 16.14 -3.88
N PRO A 335 0.85 16.27 -4.49
CA PRO A 335 0.43 15.59 -5.74
C PRO A 335 1.44 15.57 -6.90
N PRO A 336 2.24 16.65 -7.10
CA PRO A 336 3.09 16.54 -8.26
C PRO A 336 4.07 15.37 -8.14
N VAL A 337 4.27 14.81 -6.96
CA VAL A 337 5.25 13.70 -6.90
C VAL A 337 4.79 12.51 -7.72
N VAL A 338 3.48 12.36 -7.96
CA VAL A 338 3.03 11.17 -8.70
C VAL A 338 3.56 11.20 -10.16
N GLY A 339 3.34 12.31 -10.85
CA GLY A 339 3.77 12.43 -12.30
C GLY A 339 5.29 12.39 -12.28
N LYS A 340 5.91 12.95 -11.22
CA LYS A 340 7.38 12.97 -11.18
C LYS A 340 7.93 11.55 -11.18
N VAL A 341 7.37 10.71 -10.29
CA VAL A 341 7.85 9.35 -10.20
C VAL A 341 7.64 8.69 -11.56
N LYS A 342 6.46 8.87 -12.17
CA LYS A 342 6.21 8.15 -13.45
C LYS A 342 7.12 8.62 -14.60
N ARG A 343 7.28 9.95 -14.72
CA ARG A 343 8.18 10.48 -15.79
C ARG A 343 9.61 9.96 -15.58
N GLU A 344 10.11 10.05 -14.36
CA GLU A 344 11.52 9.62 -14.09
C GLU A 344 11.62 8.13 -14.30
N LEU A 345 10.58 7.38 -13.92
CA LEU A 345 10.65 5.93 -14.12
C LEU A 345 10.71 5.59 -15.61
N GLU A 346 9.81 6.19 -16.40
CA GLU A 346 9.89 6.01 -17.82
C GLU A 346 11.28 6.38 -18.42
N ALA A 347 11.85 7.53 -18.06
CA ALA A 347 13.17 7.92 -18.56
C ALA A 347 14.20 6.87 -18.19
N LEU A 348 14.14 6.34 -16.94
CA LEU A 348 15.18 5.37 -16.52
C LEU A 348 15.01 4.04 -17.25
N LEU A 349 13.76 3.61 -17.47
CA LEU A 349 13.57 2.31 -18.17
C LEU A 349 14.24 2.44 -19.57
N LYS A 350 14.03 3.57 -20.21
CA LYS A 350 14.66 3.75 -21.57
C LYS A 350 16.17 3.80 -21.45
N GLU A 351 16.64 4.55 -20.48
CA GLU A 351 18.07 4.69 -20.36
C GLU A 351 18.70 3.34 -20.07
N GLN A 352 17.98 2.44 -19.39
CA GLN A 352 18.63 1.20 -19.00
C GLN A 352 18.33 0.10 -20.01
N GLY A 353 17.68 0.43 -21.13
CA GLY A 353 17.39 -0.61 -22.13
C GLY A 353 16.14 -1.45 -21.96
N PHE A 354 15.24 -1.12 -21.04
CA PHE A 354 14.07 -2.02 -20.89
C PHE A 354 12.97 -1.63 -21.85
N GLY A 355 12.25 -2.60 -22.44
CA GLY A 355 11.16 -2.19 -23.31
C GLY A 355 9.96 -1.66 -22.53
N GLY A 356 9.81 -2.06 -21.28
CA GLY A 356 8.81 -1.38 -20.46
C GLY A 356 8.99 -1.94 -19.05
N VAL A 357 8.08 -1.57 -18.14
CA VAL A 357 8.19 -1.99 -16.76
C VAL A 357 8.27 -3.49 -16.68
N THR A 358 7.43 -4.19 -17.46
CA THR A 358 7.48 -5.63 -17.42
C THR A 358 8.83 -6.32 -17.53
N ASP A 359 9.65 -5.80 -18.43
CA ASP A 359 10.92 -6.36 -18.70
C ASP A 359 11.85 -6.13 -17.54
N ALA A 360 11.59 -5.13 -16.72
CA ALA A 360 12.53 -4.77 -15.63
C ALA A 360 12.21 -5.55 -14.39
N ILE A 361 10.98 -6.15 -14.33
CA ILE A 361 10.57 -6.78 -13.07
C ILE A 361 11.53 -7.87 -12.67
N GLY A 362 12.16 -7.76 -11.51
CA GLY A 362 13.09 -8.86 -11.10
C GLY A 362 14.44 -8.86 -11.85
N ALA A 363 14.73 -7.83 -12.63
CA ALA A 363 15.98 -7.86 -13.47
C ALA A 363 17.25 -8.02 -12.65
N ASP A 364 17.29 -7.53 -11.39
CA ASP A 364 18.57 -7.64 -10.63
C ASP A 364 18.91 -9.12 -10.41
N HIS A 365 17.88 -9.97 -10.37
CA HIS A 365 18.10 -11.39 -10.02
C HIS A 365 18.67 -12.14 -11.23
N ARG A 366 18.64 -11.55 -12.39
CA ARG A 366 19.10 -12.26 -13.60
C ARG A 366 20.47 -11.76 -14.03
N ARG A 367 21.12 -10.84 -13.32
CA ARG A 367 22.50 -10.50 -13.69
C ARG A 367 23.59 -11.41 -13.12
N1 ORO B . -1.85 0.35 10.11
C2 ORO B . -0.83 -0.19 9.28
O2 ORO B . -0.97 -1.28 8.67
N3 ORO B . 0.36 0.37 9.16
C4 ORO B . 0.65 1.54 9.78
O4 ORO B . 1.76 2.13 9.61
C5 ORO B . -0.29 2.12 10.59
C6 ORO B . -1.53 1.55 10.73
C7 ORO B . -2.45 2.24 11.70
O71 ORO B . -1.95 2.63 12.79
O72 ORO B . -3.67 2.23 11.50
N1 FMN C . -0.73 0.20 5.79
C2 FMN C . -1.80 -0.63 5.87
O2 FMN C . -1.74 -1.73 5.40
N3 FMN C . -2.98 -0.20 6.47
C4 FMN C . -3.12 1.01 7.01
O4 FMN C . -4.22 1.35 7.48
C4A FMN C . -2.03 1.88 7.00
N5 FMN C . -2.13 3.12 7.57
C5A FMN C . -1.07 4.04 7.47
C6 FMN C . -1.20 5.36 8.00
C7 FMN C . -0.16 6.24 7.82
C7M FMN C . -0.22 7.74 8.23
C8 FMN C . 1.00 5.83 7.11
C8M FMN C . 2.08 6.87 6.77
C9 FMN C . 1.14 4.54 6.59
C9A FMN C . 0.07 3.65 6.74
N10 FMN C . 0.21 2.34 6.22
C10 FMN C . -0.84 1.48 6.32
C1' FMN C . 1.52 1.90 5.66
C2' FMN C . 1.67 2.38 4.17
O2' FMN C . 0.60 1.69 3.49
C3' FMN C . 3.02 1.83 3.62
O3' FMN C . 3.06 0.35 3.78
C4' FMN C . 4.18 2.45 4.44
O4' FMN C . 3.82 3.80 4.86
C5' FMN C . 5.46 2.57 3.60
O5' FMN C . 5.18 3.37 2.44
P FMN C . 5.65 4.94 2.35
O1P FMN C . 4.69 5.77 3.17
O2P FMN C . 5.58 5.37 0.94
O3P FMN C . 7.04 5.04 2.85
CAA MDY D . -4.68 16.19 -1.95
OAP MDY D . -3.45 16.38 -1.17
CAW MDY D . -2.81 17.56 -1.28
CAJ MDY D . -3.13 18.39 -2.37
CAH MDY D . -2.46 19.59 -2.47
CAI MDY D . -1.48 19.95 -1.54
CAK MDY D . -1.19 19.11 -0.46
CAX MDY D . -1.85 17.88 -0.31
CAU MDY D . -1.59 16.99 0.80
CAN MDY D . -1.43 15.59 0.62
CAT MDY D . -1.21 14.85 1.76
CLAF MDY D . -1.07 13.13 1.60
CAL MDY D . -1.45 17.55 2.09
CAM MDY D . -1.22 16.80 3.25
CAV MDY D . -1.11 15.41 3.08
NAO MDY D . -0.91 14.56 4.14
CAR MDY D . -0.11 14.89 5.15
OAD MDY D . 0.50 15.95 5.19
CAS MDY D . 0.16 13.89 6.20
CAG MDY D . 1.10 14.24 7.21
NAC MDY D . 1.86 14.44 8.08
CAQ MDY D . -0.48 12.51 6.14
CAB MDY D . -0.29 11.50 7.24
OAE MDY D . -1.33 12.18 5.16
#